data_4QJU
#
_entry.id   4QJU
#
_cell.length_a   39.468
_cell.length_b   85.835
_cell.length_c   92.708
_cell.angle_alpha   90.00
_cell.angle_beta   90.00
_cell.angle_gamma   90.00
#
_symmetry.space_group_name_H-M   'P 21 21 21'
#
loop_
_entity.id
_entity.type
_entity.pdbx_description
1 polymer 'DNA-binding protein HU'
2 polymer "DNA (5'-D(*TP*GP*CP*TP*TP*AP*TP*CP*AP*AP*TP*TP*TP*GP*TP*TP*GP*CP*AP*CP*C)-3')"
3 water water
#
loop_
_entity_poly.entity_id
_entity_poly.type
_entity_poly.pdbx_seq_one_letter_code
_entity_poly.pdbx_strand_id
1 'polypeptide(L)'
;MNKTDLINAVAEQADLTKKEAGSAVDAVFESIQNSLAKGEKVQLIGFGNFEVRERAARKGRNPQTGKEIDIPASKVPAFK
AGKALKDAVKLEHHHHHH
;
A,B
2 'polydeoxyribonucleotide'
;(DT)(DG)(DC)(DT)(DT)(DA)(DT)(DC)(DA)(DA)(DT)(DT)(DT)(DG)(DT)(DT)(DG)(DC)(DA)(DC)
(DC)
;
C,D
#
# COMPACT_ATOMS: atom_id res chain seq x y z
N MET A 1 13.45 -4.45 0.33
CA MET A 1 13.40 -3.57 -0.83
C MET A 1 13.15 -2.14 -0.41
N ASN A 2 14.01 -1.22 -0.86
CA ASN A 2 13.67 0.19 -0.75
C ASN A 2 13.31 0.74 -2.14
N LYS A 3 13.04 2.05 -2.23
CA LYS A 3 12.59 2.62 -3.49
C LYS A 3 13.63 2.48 -4.59
N THR A 4 14.91 2.61 -4.23
CA THR A 4 15.98 2.41 -5.20
C THR A 4 15.91 1.00 -5.78
N ASP A 5 15.72 0.02 -4.90
CA ASP A 5 15.54 -1.37 -5.34
C ASP A 5 14.33 -1.51 -6.27
N LEU A 6 13.19 -0.94 -5.89
CA LEU A 6 11.98 -0.93 -6.73
C LEU A 6 12.22 -0.29 -8.09
N ILE A 7 12.90 0.86 -8.09
CA ILE A 7 13.27 1.51 -9.34
C ILE A 7 14.07 0.55 -10.25
N ASN A 8 15.07 -0.10 -9.69
CA ASN A 8 15.85 -1.06 -10.47
C ASN A 8 15.00 -2.22 -10.98
N ALA A 9 14.10 -2.73 -10.14
CA ALA A 9 13.22 -3.82 -10.58
C ALA A 9 12.31 -3.37 -11.71
N VAL A 10 11.78 -2.16 -11.62
CA VAL A 10 10.87 -1.65 -12.66
C VAL A 10 11.59 -1.41 -13.99
N ALA A 11 12.80 -0.85 -13.92
CA ALA A 11 13.60 -0.59 -15.11
C ALA A 11 13.86 -1.87 -15.88
N GLU A 12 14.13 -2.94 -15.14
CA GLU A 12 14.42 -4.22 -15.74
C GLU A 12 13.17 -4.83 -16.40
N GLN A 13 12.08 -4.92 -15.64
CA GLN A 13 10.83 -5.54 -16.11
C GLN A 13 10.10 -4.77 -17.22
N ALA A 14 10.06 -3.44 -17.11
CA ALA A 14 9.40 -2.63 -18.13
C ALA A 14 10.34 -2.18 -19.24
N ASP A 15 11.61 -2.58 -19.15
CA ASP A 15 12.59 -2.21 -20.17
C ASP A 15 12.70 -0.69 -20.30
N LEU A 16 12.96 -0.01 -19.19
CA LEU A 16 13.12 1.45 -19.20
C LEU A 16 14.51 1.75 -18.71
N THR A 17 14.97 2.99 -18.93
CA THR A 17 16.21 3.42 -18.31
C THR A 17 15.96 3.60 -16.82
N LYS A 18 17.05 3.73 -16.05
CA LYS A 18 16.91 3.98 -14.62
C LYS A 18 16.15 5.25 -14.32
N LYS A 19 16.45 6.30 -15.09
CA LYS A 19 15.80 7.59 -14.96
C LYS A 19 14.32 7.51 -15.22
N GLU A 20 13.95 6.86 -16.32
CA GLU A 20 12.54 6.68 -16.69
C GLU A 20 11.81 5.89 -15.61
N ALA A 21 12.43 4.82 -15.15
CA ALA A 21 11.87 4.00 -14.07
C ALA A 21 11.71 4.81 -12.79
N GLY A 22 12.70 5.65 -12.48
CA GLY A 22 12.63 6.50 -11.31
C GLY A 22 11.46 7.47 -11.40
N SER A 23 11.33 8.12 -12.55
CA SER A 23 10.20 9.00 -12.82
C SER A 23 8.88 8.27 -12.69
N ALA A 24 8.82 7.06 -13.24
CA ALA A 24 7.59 6.27 -13.19
C ALA A 24 7.23 5.95 -11.75
N VAL A 25 8.19 5.43 -11.00
CA VAL A 25 7.94 5.06 -9.61
C VAL A 25 7.54 6.26 -8.74
N ASP A 26 8.26 7.38 -8.88
CA ASP A 26 7.90 8.59 -8.15
C ASP A 26 6.50 9.06 -8.53
N ALA A 27 6.17 8.97 -9.82
CA ALA A 27 4.85 9.38 -10.27
C ALA A 27 3.72 8.53 -9.69
N VAL A 28 3.89 7.21 -9.61
CA VAL A 28 2.77 6.42 -9.07
C VAL A 28 2.46 6.79 -7.63
N PHE A 29 3.48 6.89 -6.78
CA PHE A 29 3.23 7.08 -5.37
C PHE A 29 2.88 8.52 -5.01
N GLU A 30 3.44 9.48 -5.74
CA GLU A 30 2.95 10.85 -5.65
C GLU A 30 1.48 10.95 -6.08
N SER A 31 1.12 10.26 -7.15
CA SER A 31 -0.27 10.27 -7.62
C SER A 31 -1.25 9.58 -6.67
N ILE A 32 -0.84 8.44 -6.12
CA ILE A 32 -1.66 7.78 -5.10
C ILE A 32 -1.82 8.72 -3.90
N GLN A 33 -0.71 9.30 -3.44
CA GLN A 33 -0.75 10.25 -2.33
C GLN A 33 -1.67 11.43 -2.61
N ASN A 34 -1.55 12.06 -3.77
CA ASN A 34 -2.34 13.25 -4.08
C ASN A 34 -3.82 12.92 -4.16
N SER A 35 -4.12 11.71 -4.64
CA SER A 35 -5.50 11.29 -4.73
C SER A 35 -6.09 11.10 -3.34
N LEU A 36 -5.33 10.45 -2.46
CA LEU A 36 -5.79 10.24 -1.09
C LEU A 36 -5.98 11.56 -0.36
N ALA A 37 -5.07 12.50 -0.56
CA ALA A 37 -5.15 13.84 0.04
C ALA A 37 -6.44 14.59 -0.31
N LYS A 38 -7.09 14.19 -1.39
CA LYS A 38 -8.32 14.83 -1.82
C LYS A 38 -9.51 14.00 -1.35
N GLY A 39 -9.23 12.97 -0.56
CA GLY A 39 -10.28 12.08 -0.07
C GLY A 39 -10.78 11.17 -1.16
N GLU A 40 -10.07 11.14 -2.28
CA GLU A 40 -10.44 10.28 -3.38
C GLU A 40 -9.84 8.88 -3.21
N LYS A 41 -10.67 7.86 -3.40
CA LYS A 41 -10.22 6.48 -3.31
C LYS A 41 -9.35 6.12 -4.52
N VAL A 42 -8.43 5.19 -4.30
CA VAL A 42 -7.59 4.70 -5.39
C VAL A 42 -7.80 3.20 -5.50
N GLN A 43 -8.37 2.77 -6.62
CA GLN A 43 -8.67 1.35 -6.80
C GLN A 43 -7.89 0.77 -7.95
N LEU A 44 -6.97 -0.13 -7.59
CA LEU A 44 -5.99 -0.65 -8.53
C LEU A 44 -6.23 -2.11 -8.72
N ILE A 45 -6.99 -2.44 -9.76
CA ILE A 45 -7.33 -3.81 -10.06
C ILE A 45 -6.06 -4.63 -10.26
N GLY A 46 -6.03 -5.81 -9.66
CA GLY A 46 -4.88 -6.66 -9.75
C GLY A 46 -3.86 -6.35 -8.67
N PHE A 47 -4.16 -5.38 -7.83
CA PHE A 47 -3.24 -5.01 -6.75
C PHE A 47 -3.97 -4.78 -5.42
N GLY A 48 -4.70 -3.68 -5.33
CA GLY A 48 -5.46 -3.38 -4.13
C GLY A 48 -6.06 -1.98 -4.16
N ASN A 49 -6.78 -1.64 -3.09
CA ASN A 49 -7.42 -0.34 -2.97
C ASN A 49 -6.92 0.47 -1.78
N PHE A 50 -6.65 1.74 -2.02
CA PHE A 50 -6.32 2.69 -0.98
C PHE A 50 -7.54 3.55 -0.72
N GLU A 51 -7.76 3.91 0.54
CA GLU A 51 -8.82 4.84 0.86
C GLU A 51 -8.46 5.58 2.12
N VAL A 52 -9.15 6.70 2.33
CA VAL A 52 -8.99 7.44 3.58
C VAL A 52 -10.07 6.98 4.54
N ARG A 53 -9.68 6.66 5.76
CA ARG A 53 -10.63 6.24 6.79
C ARG A 53 -10.62 7.18 7.98
N GLU A 54 -11.79 7.35 8.58
CA GLU A 54 -11.97 8.09 9.81
C GLU A 54 -11.69 7.12 10.95
N ARG A 55 -10.63 7.38 11.69
CA ARG A 55 -10.29 6.56 12.85
C ARG A 55 -10.81 7.25 14.10
N ALA A 56 -11.47 6.49 14.96
CA ALA A 56 -12.02 7.03 16.20
C ALA A 56 -10.93 7.36 17.21
N ALA A 57 -11.25 8.22 18.17
CA ALA A 57 -10.31 8.57 19.23
C ALA A 57 -9.94 7.32 20.03
N ARG A 58 -8.72 7.27 20.53
CA ARG A 58 -8.26 6.13 21.31
C ARG A 58 -7.21 6.58 22.33
N LYS A 59 -6.53 5.61 22.94
CA LYS A 59 -5.58 5.93 24.00
C LYS A 59 -4.21 5.36 23.70
N GLY A 60 -3.19 6.12 24.09
CA GLY A 60 -1.82 5.65 24.08
C GLY A 60 -1.18 5.88 25.45
N ARG A 61 0.11 5.57 25.56
CA ARG A 61 0.81 5.68 26.84
C ARG A 61 2.12 6.40 26.60
N ASN A 62 2.45 7.34 27.50
CA ASN A 62 3.76 7.96 27.46
C ASN A 62 4.78 7.03 28.10
N PRO A 63 5.83 6.67 27.35
CA PRO A 63 6.82 5.69 27.80
C PRO A 63 7.70 6.17 28.96
N GLN A 64 7.88 7.47 29.11
CA GLN A 64 8.72 8.02 30.18
C GLN A 64 7.96 8.21 31.49
N THR A 65 6.73 8.72 31.39
CA THR A 65 5.96 9.01 32.60
C THR A 65 4.92 7.94 32.90
N GLY A 66 4.65 7.06 31.94
CA GLY A 66 3.63 6.04 32.12
C GLY A 66 2.21 6.59 32.09
N LYS A 67 2.07 7.86 31.74
CA LYS A 67 0.75 8.50 31.72
C LYS A 67 -0.04 8.17 30.45
N GLU A 68 -1.34 7.97 30.60
CA GLU A 68 -2.19 7.75 29.45
C GLU A 68 -2.29 9.00 28.56
N ILE A 69 -2.28 8.79 27.25
CA ILE A 69 -2.35 9.88 26.27
C ILE A 69 -3.65 9.80 25.48
N ASP A 70 -4.35 10.91 25.32
CA ASP A 70 -5.50 10.96 24.41
C ASP A 70 -5.07 11.10 22.96
N ILE A 71 -5.52 10.17 22.12
CA ILE A 71 -5.27 10.22 20.69
C ILE A 71 -6.59 10.57 20.02
N PRO A 72 -6.70 11.79 19.48
CA PRO A 72 -7.97 12.28 18.91
C PRO A 72 -8.29 11.54 17.62
N ALA A 73 -9.57 11.52 17.25
CA ALA A 73 -10.01 10.96 15.99
C ALA A 73 -9.26 11.64 14.88
N SER A 74 -8.94 10.90 13.83
CA SER A 74 -8.29 11.51 12.67
C SER A 74 -8.52 10.72 11.37
N LYS A 75 -8.28 11.39 10.25
CA LYS A 75 -8.26 10.78 8.93
C LYS A 75 -6.94 10.05 8.73
N VAL A 76 -7.02 8.81 8.26
CA VAL A 76 -5.85 7.96 8.10
C VAL A 76 -5.94 7.22 6.76
N PRO A 77 -4.79 7.00 6.08
CA PRO A 77 -4.88 6.20 4.86
C PRO A 77 -4.92 4.72 5.19
N ALA A 78 -5.70 3.94 4.43
CA ALA A 78 -5.73 2.49 4.61
C ALA A 78 -5.60 1.78 3.26
N PHE A 79 -5.07 0.56 3.29
CA PHE A 79 -4.86 -0.23 2.09
C PHE A 79 -5.56 -1.55 2.24
N LYS A 80 -6.31 -1.95 1.22
CA LYS A 80 -6.96 -3.26 1.22
C LYS A 80 -6.38 -4.09 0.10
N ALA A 81 -5.64 -5.13 0.45
CA ALA A 81 -4.99 -5.97 -0.53
C ALA A 81 -5.99 -6.76 -1.38
N GLY A 82 -5.71 -6.85 -2.67
CA GLY A 82 -6.53 -7.65 -3.56
C GLY A 82 -6.20 -9.13 -3.40
N LYS A 83 -7.02 -9.97 -4.05
CA LYS A 83 -6.88 -11.42 -4.00
C LYS A 83 -5.53 -11.90 -4.50
N ALA A 84 -5.02 -11.27 -5.55
CA ALA A 84 -3.73 -11.66 -6.10
C ALA A 84 -2.63 -11.50 -5.06
N LEU A 85 -2.62 -10.36 -4.40
CA LEU A 85 -1.65 -10.09 -3.35
C LEU A 85 -1.78 -11.07 -2.18
N LYS A 86 -2.99 -11.21 -1.66
CA LYS A 86 -3.26 -12.12 -0.55
C LYS A 86 -2.80 -13.54 -0.86
N ASP A 87 -3.09 -13.99 -2.08
CA ASP A 87 -2.78 -15.35 -2.50
C ASP A 87 -1.28 -15.59 -2.53
N ALA A 88 -0.55 -14.65 -3.13
CA ALA A 88 0.90 -14.82 -3.29
C ALA A 88 1.60 -14.87 -1.94
N VAL A 89 1.11 -14.09 -0.98
CA VAL A 89 1.72 -14.04 0.33
C VAL A 89 1.44 -15.31 1.13
N LYS A 90 0.21 -15.82 1.02
CA LYS A 90 -0.26 -16.95 1.83
C LYS A 90 0.53 -18.24 1.58
N MET B 1 -10.02 7.32 -8.49
CA MET B 1 -8.92 7.00 -9.37
C MET B 1 -8.81 5.49 -9.54
N ASN B 2 -8.71 5.03 -10.78
CA ASN B 2 -8.43 3.62 -11.01
C ASN B 2 -7.07 3.40 -11.67
N LYS B 3 -6.81 2.18 -12.11
CA LYS B 3 -5.51 1.83 -12.69
C LYS B 3 -5.25 2.58 -14.00
N THR B 4 -6.30 2.76 -14.79
CA THR B 4 -6.20 3.51 -16.03
C THR B 4 -5.80 4.94 -15.76
N ASP B 5 -6.48 5.58 -14.78
CA ASP B 5 -6.18 6.95 -14.39
C ASP B 5 -4.73 7.05 -13.89
N LEU B 6 -4.31 6.05 -13.13
CA LEU B 6 -2.95 6.02 -12.58
C LEU B 6 -1.94 5.97 -13.71
N ILE B 7 -2.20 5.10 -14.67
CA ILE B 7 -1.35 4.99 -15.84
C ILE B 7 -1.28 6.32 -16.58
N ASN B 8 -2.44 6.97 -16.75
CA ASN B 8 -2.48 8.28 -17.40
C ASN B 8 -1.72 9.35 -16.65
N ALA B 9 -1.88 9.38 -15.34
CA ALA B 9 -1.17 10.34 -14.52
C ALA B 9 0.31 10.06 -14.62
N VAL B 10 0.68 8.78 -14.64
CA VAL B 10 2.09 8.42 -14.75
C VAL B 10 2.71 8.89 -16.07
N ALA B 11 1.99 8.70 -17.17
CA ALA B 11 2.51 9.08 -18.49
C ALA B 11 2.77 10.58 -18.53
N GLU B 12 1.84 11.33 -17.99
CA GLU B 12 1.95 12.78 -17.97
C GLU B 12 3.08 13.29 -17.07
N GLN B 13 3.14 12.82 -15.83
CA GLN B 13 4.12 13.35 -14.87
C GLN B 13 5.54 12.90 -15.16
N ALA B 14 5.67 11.67 -15.63
CA ALA B 14 6.97 11.08 -15.86
C ALA B 14 7.44 11.32 -17.31
N ASP B 15 6.58 11.94 -18.13
CA ASP B 15 6.91 12.17 -19.53
C ASP B 15 7.21 10.83 -20.26
N LEU B 16 6.28 9.90 -20.13
CA LEU B 16 6.44 8.59 -20.75
C LEU B 16 5.28 8.34 -21.70
N THR B 17 5.49 7.44 -22.66
CA THR B 17 4.40 7.03 -23.53
C THR B 17 3.43 6.16 -22.73
N LYS B 18 2.24 5.94 -23.27
CA LYS B 18 1.25 5.17 -22.55
C LYS B 18 1.71 3.74 -22.38
N LYS B 19 2.32 3.19 -23.42
CA LYS B 19 2.90 1.85 -23.37
C LYS B 19 3.92 1.74 -22.24
N GLU B 20 4.79 2.73 -22.16
CA GLU B 20 5.83 2.75 -21.12
C GLU B 20 5.23 2.92 -19.72
N ALA B 21 4.30 3.85 -19.57
CA ALA B 21 3.63 4.07 -18.29
C ALA B 21 2.86 2.82 -17.88
N GLY B 22 2.18 2.20 -18.85
CA GLY B 22 1.48 0.94 -18.63
C GLY B 22 2.39 -0.14 -18.11
N SER B 23 3.53 -0.35 -18.78
CA SER B 23 4.51 -1.35 -18.38
C SER B 23 5.09 -1.06 -17.00
N ALA B 24 5.41 0.21 -16.75
CA ALA B 24 5.96 0.62 -15.46
C ALA B 24 4.98 0.34 -14.33
N VAL B 25 3.74 0.76 -14.50
CA VAL B 25 2.73 0.52 -13.46
C VAL B 25 2.59 -0.98 -13.19
N ASP B 26 2.54 -1.77 -14.27
CA ASP B 26 2.46 -3.22 -14.10
C ASP B 26 3.68 -3.75 -13.34
N ALA B 27 4.86 -3.23 -13.68
CA ALA B 27 6.11 -3.69 -13.06
C ALA B 27 6.16 -3.31 -11.58
N VAL B 28 5.59 -2.18 -11.23
CA VAL B 28 5.53 -1.76 -9.83
C VAL B 28 4.72 -2.77 -8.99
N PHE B 29 3.48 -3.02 -9.42
CA PHE B 29 2.61 -3.97 -8.73
C PHE B 29 3.22 -5.37 -8.65
N GLU B 30 3.73 -5.85 -9.78
CA GLU B 30 4.33 -7.19 -9.80
C GLU B 30 5.56 -7.30 -8.90
N SER B 31 6.42 -6.29 -8.94
CA SER B 31 7.61 -6.31 -8.10
C SER B 31 7.23 -6.32 -6.64
N ILE B 32 6.22 -5.52 -6.28
CA ILE B 32 5.79 -5.48 -4.89
C ILE B 32 5.25 -6.85 -4.50
N GLN B 33 4.38 -7.39 -5.34
CA GLN B 33 3.78 -8.70 -5.08
C GLN B 33 4.84 -9.78 -4.90
N ASN B 34 5.81 -9.78 -5.80
CA ASN B 34 6.87 -10.79 -5.79
C ASN B 34 7.75 -10.69 -4.56
N SER B 35 8.01 -9.47 -4.13
CA SER B 35 8.85 -9.25 -2.97
C SER B 35 8.14 -9.77 -1.73
N LEU B 36 6.86 -9.46 -1.63
CA LEU B 36 6.05 -9.94 -0.51
C LEU B 36 5.89 -11.47 -0.52
N ALA B 37 5.80 -12.06 -1.71
CA ALA B 37 5.69 -13.51 -1.83
C ALA B 37 6.89 -14.19 -1.18
N LYS B 38 8.04 -13.52 -1.24
CA LYS B 38 9.26 -14.01 -0.61
C LYS B 38 9.36 -13.51 0.83
N GLY B 39 8.34 -12.81 1.31
CA GLY B 39 8.35 -12.29 2.67
C GLY B 39 9.14 -11.00 2.88
N GLU B 40 9.66 -10.41 1.81
CA GLU B 40 10.46 -9.19 1.97
C GLU B 40 9.67 -7.89 1.80
N LYS B 41 9.78 -7.01 2.78
CA LYS B 41 9.04 -5.76 2.79
C LYS B 41 9.50 -4.85 1.67
N VAL B 42 8.59 -4.02 1.19
CA VAL B 42 8.93 -2.96 0.25
C VAL B 42 8.76 -1.64 0.95
N GLN B 43 9.89 -0.99 1.21
CA GLN B 43 9.89 0.24 1.97
C GLN B 43 10.07 1.44 1.04
N LEU B 44 9.13 2.37 1.10
CA LEU B 44 9.12 3.52 0.21
C LEU B 44 9.09 4.79 1.03
N ILE B 45 10.22 5.50 0.99
CA ILE B 45 10.40 6.73 1.77
C ILE B 45 9.23 7.69 1.56
N GLY B 46 8.71 8.20 2.67
CA GLY B 46 7.59 9.12 2.65
C GLY B 46 6.25 8.43 2.58
N PHE B 47 6.10 7.56 1.59
CA PHE B 47 4.80 6.97 1.29
C PHE B 47 4.42 5.91 2.32
N GLY B 48 5.31 4.95 2.56
CA GLY B 48 5.05 3.88 3.51
C GLY B 48 5.62 2.54 3.12
N ASN B 49 5.27 1.51 3.89
CA ASN B 49 5.81 0.18 3.70
C ASN B 49 4.75 -0.86 3.41
N PHE B 50 4.96 -1.62 2.33
CA PHE B 50 4.23 -2.85 2.10
C PHE B 50 5.00 -3.99 2.74
N GLU B 51 4.33 -4.79 3.55
CA GLU B 51 5.00 -5.85 4.30
C GLU B 51 4.14 -7.09 4.49
N VAL B 52 4.77 -8.14 4.99
CA VAL B 52 4.07 -9.38 5.27
C VAL B 52 3.90 -9.50 6.78
N ARG B 53 2.68 -9.72 7.21
N ARG B 53 2.68 -9.69 7.22
CA ARG B 53 2.34 -9.82 8.63
CA ARG B 53 2.40 -9.86 8.64
C ARG B 53 1.85 -11.22 8.95
C ARG B 53 1.93 -11.27 8.90
N GLU B 54 2.39 -11.84 10.01
CA GLU B 54 1.89 -13.13 10.46
C GLU B 54 0.71 -12.87 11.40
N ARG B 55 -0.50 -13.08 10.91
CA ARG B 55 -1.67 -12.82 11.72
C ARG B 55 -1.97 -14.03 12.63
N ALA B 56 -2.03 -13.80 13.94
CA ALA B 56 -2.31 -14.89 14.88
C ALA B 56 -3.74 -15.41 14.75
N ALA B 57 -3.98 -16.62 15.25
CA ALA B 57 -5.29 -17.24 15.16
C ALA B 57 -6.30 -16.41 15.94
N ARG B 58 -7.55 -16.43 15.51
CA ARG B 58 -8.57 -15.64 16.18
C ARG B 58 -9.95 -16.28 16.10
N LYS B 59 -10.95 -15.56 16.58
CA LYS B 59 -12.29 -16.10 16.73
C LYS B 59 -13.28 -15.26 15.95
N GLY B 60 -14.26 -15.91 15.34
CA GLY B 60 -15.36 -15.22 14.70
C GLY B 60 -16.68 -15.86 15.06
N ARG B 61 -17.76 -15.36 14.46
CA ARG B 61 -19.08 -15.91 14.70
C ARG B 61 -19.80 -16.16 13.38
N ASN B 62 -20.43 -17.32 13.25
CA ASN B 62 -21.26 -17.58 12.09
C ASN B 62 -22.55 -16.80 12.27
N PRO B 63 -22.90 -15.96 11.29
CA PRO B 63 -24.05 -15.06 11.43
C PRO B 63 -25.40 -15.78 11.44
N GLN B 64 -25.47 -17.01 10.92
CA GLN B 64 -26.74 -17.74 10.91
C GLN B 64 -26.88 -18.75 12.05
N THR B 65 -25.78 -19.39 12.45
CA THR B 65 -25.84 -20.40 13.51
C THR B 65 -25.48 -19.81 14.88
N GLY B 66 -24.77 -18.68 14.87
CA GLY B 66 -24.33 -18.07 16.10
C GLY B 66 -23.20 -18.84 16.76
N LYS B 67 -22.66 -19.84 16.07
CA LYS B 67 -21.55 -20.61 16.59
C LYS B 67 -20.21 -19.89 16.33
N GLU B 68 -19.29 -20.04 17.27
CA GLU B 68 -17.94 -19.49 17.14
C GLU B 68 -17.13 -20.21 16.08
N ILE B 69 -16.35 -19.41 15.35
CA ILE B 69 -15.47 -19.86 14.28
C ILE B 69 -14.01 -19.70 14.73
N ASP B 70 -13.22 -20.76 14.52
CA ASP B 70 -11.78 -20.68 14.75
C ASP B 70 -11.12 -20.20 13.47
N ILE B 71 -10.65 -18.96 13.48
CA ILE B 71 -9.99 -18.37 12.33
C ILE B 71 -8.52 -18.67 12.47
N PRO B 72 -7.96 -19.48 11.56
CA PRO B 72 -6.57 -19.91 11.75
C PRO B 72 -5.57 -18.79 11.51
N ALA B 73 -4.37 -18.96 12.04
CA ALA B 73 -3.26 -18.09 11.72
C ALA B 73 -2.98 -18.11 10.22
N SER B 74 -2.57 -16.98 9.66
CA SER B 74 -2.12 -16.91 8.27
C SER B 74 -1.19 -15.73 8.02
N LYS B 75 -0.48 -15.78 6.90
CA LYS B 75 0.32 -14.64 6.46
C LYS B 75 -0.54 -13.78 5.56
N VAL B 76 -0.46 -12.46 5.77
CA VAL B 76 -1.24 -11.53 4.98
C VAL B 76 -0.37 -10.33 4.61
N PRO B 77 -0.63 -9.75 3.43
CA PRO B 77 0.00 -8.47 3.10
C PRO B 77 -0.60 -7.36 3.94
N ALA B 78 0.25 -6.47 4.46
CA ALA B 78 -0.21 -5.28 5.15
C ALA B 78 0.52 -4.04 4.60
N PHE B 79 -0.05 -2.87 4.86
CA PHE B 79 0.57 -1.60 4.47
C PHE B 79 0.70 -0.72 5.70
N LYS B 80 1.89 -0.15 5.90
CA LYS B 80 2.11 0.79 6.99
C LYS B 80 2.44 2.17 6.44
N ALA B 81 1.51 3.11 6.61
CA ALA B 81 1.63 4.42 6.00
C ALA B 81 2.83 5.18 6.55
N GLY B 82 3.52 5.90 5.67
CA GLY B 82 4.66 6.67 6.09
C GLY B 82 4.22 8.07 6.45
N LYS B 83 5.14 8.88 6.95
CA LYS B 83 4.81 10.20 7.48
C LYS B 83 4.23 11.16 6.46
N ALA B 84 4.88 11.26 5.30
CA ALA B 84 4.43 12.20 4.29
C ALA B 84 2.99 11.89 3.89
N LEU B 85 2.67 10.61 3.77
CA LEU B 85 1.32 10.18 3.37
C LEU B 85 0.30 10.46 4.47
N LYS B 86 0.66 10.15 5.72
CA LYS B 86 -0.22 10.40 6.86
C LYS B 86 -0.52 11.89 7.00
N ASP B 87 0.53 12.70 6.91
CA ASP B 87 0.38 14.14 7.00
C ASP B 87 -0.53 14.66 5.90
N ALA B 88 -0.24 14.30 4.65
CA ALA B 88 -1.02 14.78 3.52
C ALA B 88 -2.51 14.43 3.62
N VAL B 89 -2.84 13.31 4.26
CA VAL B 89 -4.25 12.93 4.34
C VAL B 89 -4.99 13.49 5.57
N LYS B 90 -4.27 13.71 6.68
CA LYS B 90 -4.93 14.31 7.84
C LYS B 90 -5.16 15.81 7.62
#